data_2FDD
#
_entry.id   2FDD
#
_cell.length_a   55.382
_cell.length_b   55.382
_cell.length_c   79.169
_cell.angle_alpha   90.00
_cell.angle_beta   90.00
_cell.angle_gamma   90.00
#
_symmetry.space_group_name_H-M   'P 41'
#
loop_
_entity.id
_entity.type
_entity.pdbx_description
1 polymer 'Gag-Pol polyprotein'
2 non-polymer '(3R,3AS,6AR)-HEXAHYDROFURO[2,3-B]FURAN-3-YL [(1S,2R)-3-[(1,3-BENZODIOXOL-5-YLSULFONYL)(ISOBUTYL)AMINO]-2-HYDROXY-1-{4-[(2-METHYL-1,3-THIAZOL-4-YL)METHOXY]BENZYL}PROPYL]CARBAMATE'
3 water water
#
_entity_poly.entity_id   1
_entity_poly.type   'polypeptide(L)'
_entity_poly.pdbx_seq_one_letter_code
;MPQITLWQRPIVTIKIGGQQREALLDTGADDTVLEDINLPGRWKPKIIGGVGGFVKVRQYDQVPIEICGHKVIGTVLVGP
TPANIIGRNLMTQIGCTLNF
;
_entity_poly.pdbx_strand_id   A,B
#
loop_
_chem_comp.id
_chem_comp.type
_chem_comp.name
_chem_comp.formula
385 non-polymer '(3R,3AS,6AR)-HEXAHYDROFURO[2,3-B]FURAN-3-YL [(1S,2R)-3-[(1,3-BENZODIOXOL-5-YLSULFONYL)(ISOBUTYL)AMINO]-2-HYDROXY-1-{4-[(2-METHYL-1,3-THIAZOL-4-YL)METHOXY]BENZYL}PROPYL]CARBAMATE' 'C33 H41 N3 O10 S2'
#
# COMPACT_ATOMS: atom_id res chain seq x y z
N PRO A 2 5.64 -3.31 -19.10
CA PRO A 2 6.34 -2.09 -18.65
C PRO A 2 6.76 -2.19 -17.18
N GLN A 3 7.72 -1.36 -16.81
CA GLN A 3 8.22 -1.35 -15.44
C GLN A 3 7.99 0.00 -14.78
N ILE A 4 7.67 -0.03 -13.50
CA ILE A 4 7.42 1.19 -12.75
C ILE A 4 8.35 1.27 -11.54
N THR A 5 9.27 2.23 -11.56
CA THR A 5 10.18 2.40 -10.43
C THR A 5 9.42 3.18 -9.36
N LEU A 6 9.82 3.01 -8.10
CA LEU A 6 9.10 3.63 -7.00
C LEU A 6 9.59 4.93 -6.39
N TRP A 7 10.37 5.71 -7.13
CA TRP A 7 10.84 6.97 -6.59
C TRP A 7 9.69 7.98 -6.49
N GLN A 8 8.56 7.65 -7.12
CA GLN A 8 7.36 8.48 -7.08
C GLN A 8 6.19 7.54 -6.83
N ARG A 9 5.05 8.08 -6.42
CA ARG A 9 3.88 7.23 -6.20
C ARG A 9 3.48 6.62 -7.53
N PRO A 10 3.20 5.31 -7.54
CA PRO A 10 2.81 4.61 -8.77
C PRO A 10 1.35 4.87 -9.12
N ILE A 11 1.09 6.06 -9.67
CA ILE A 11 -0.25 6.48 -10.06
C ILE A 11 -0.53 6.04 -11.50
N VAL A 12 -1.74 5.51 -11.71
CA VAL A 12 -2.14 5.10 -13.05
C VAL A 12 -3.53 5.64 -13.32
N THR A 13 -3.90 5.68 -14.60
CA THR A 13 -5.22 6.15 -14.98
C THR A 13 -6.13 4.95 -15.09
N ILE A 14 -7.36 5.10 -14.61
CA ILE A 14 -8.32 4.02 -14.66
C ILE A 14 -9.60 4.55 -15.28
N LYS A 15 -10.42 3.63 -15.79
CA LYS A 15 -11.71 3.99 -16.37
C LYS A 15 -12.73 3.10 -15.70
N ILE A 16 -13.72 3.73 -15.09
CA ILE A 16 -14.75 3.00 -14.38
C ILE A 16 -16.03 3.83 -14.44
N GLY A 17 -17.13 3.19 -14.82
CA GLY A 17 -18.39 3.90 -14.93
C GLY A 17 -18.34 4.90 -16.07
N GLY A 18 -17.55 4.60 -17.09
CA GLY A 18 -17.42 5.48 -18.24
C GLY A 18 -16.69 6.77 -17.89
N GLN A 19 -15.95 6.74 -16.80
CA GLN A 19 -15.21 7.93 -16.39
C GLN A 19 -13.76 7.64 -16.01
N GLN A 20 -12.92 8.63 -16.28
CA GLN A 20 -11.50 8.50 -16.00
C GLN A 20 -11.11 9.07 -14.64
N ARG A 21 -10.28 8.31 -13.94
CA ARG A 21 -9.80 8.71 -12.63
C ARG A 21 -8.34 8.28 -12.50
N GLU A 22 -7.70 8.70 -11.41
CA GLU A 22 -6.32 8.31 -11.17
C GLU A 22 -6.34 7.54 -9.86
N ALA A 23 -5.48 6.54 -9.75
CA ALA A 23 -5.42 5.72 -8.55
C ALA A 23 -4.00 5.19 -8.36
N LEU A 24 -3.72 4.81 -7.12
CA LEU A 24 -2.40 4.32 -6.71
C LEU A 24 -2.32 2.80 -6.77
N LEU A 25 -1.31 2.25 -7.47
CA LEU A 25 -1.13 0.80 -7.49
C LEU A 25 -0.60 0.53 -6.08
N ASP A 26 -1.39 -0.18 -5.28
CA ASP A 26 -1.07 -0.39 -3.89
C ASP A 26 -0.95 -1.85 -3.46
N THR A 27 0.27 -2.35 -3.40
CA THR A 27 0.50 -3.74 -3.01
C THR A 27 0.17 -4.01 -1.55
N GLY A 28 0.07 -2.94 -0.75
CA GLY A 28 -0.26 -3.10 0.67
C GLY A 28 -1.76 -3.10 0.92
N ALA A 29 -2.54 -3.01 -0.16
CA ALA A 29 -4.00 -3.00 -0.05
C ALA A 29 -4.61 -4.30 -0.56
N ASP A 30 -5.44 -4.94 0.25
CA ASP A 30 -6.09 -6.18 -0.17
C ASP A 30 -7.15 -5.84 -1.21
N ASP A 31 -7.86 -4.75 -0.94
CA ASP A 31 -8.96 -4.31 -1.79
C ASP A 31 -8.73 -2.96 -2.45
N THR A 32 -9.62 -2.64 -3.38
CA THR A 32 -9.58 -1.40 -4.15
C THR A 32 -10.60 -0.43 -3.55
N VAL A 33 -10.14 0.76 -3.20
CA VAL A 33 -11.00 1.77 -2.60
C VAL A 33 -10.92 3.08 -3.38
N LEU A 34 -12.06 3.58 -3.85
CA LEU A 34 -12.09 4.82 -4.62
C LEU A 34 -13.05 5.79 -3.91
N GLU A 35 -12.68 7.07 -3.88
CA GLU A 35 -13.49 8.08 -3.21
C GLU A 35 -14.23 9.03 -4.12
N ASP A 36 -13.67 9.34 -5.29
CA ASP A 36 -14.28 10.31 -6.20
C ASP A 36 -15.12 9.77 -7.36
N ILE A 37 -15.97 8.79 -7.06
CA ILE A 37 -16.85 8.21 -8.06
C ILE A 37 -18.19 7.78 -7.47
N ASN A 38 -19.19 7.68 -8.33
CA ASN A 38 -20.52 7.22 -7.94
C ASN A 38 -20.74 5.96 -8.79
N LEU A 39 -21.06 4.85 -8.16
CA LEU A 39 -21.30 3.60 -8.89
C LEU A 39 -22.78 3.24 -8.82
N PRO A 40 -23.31 2.71 -9.93
CA PRO A 40 -24.72 2.30 -10.05
C PRO A 40 -25.06 0.94 -9.45
N GLY A 41 -26.32 0.76 -9.09
CA GLY A 41 -26.76 -0.51 -8.55
C GLY A 41 -26.65 -0.76 -7.06
N ARG A 42 -26.93 -1.98 -6.67
CA ARG A 42 -26.89 -2.41 -5.28
C ARG A 42 -25.47 -2.53 -4.76
N TRP A 43 -25.34 -2.49 -3.43
CA TRP A 43 -24.06 -2.62 -2.78
C TRP A 43 -24.26 -3.21 -1.38
N LYS A 44 -23.17 -3.61 -0.75
CA LYS A 44 -23.19 -4.19 0.60
C LYS A 44 -22.32 -3.33 1.51
N PRO A 45 -22.83 -2.96 2.69
CA PRO A 45 -21.99 -2.15 3.56
C PRO A 45 -20.77 -2.96 4.00
N LYS A 46 -19.63 -2.31 4.12
CA LYS A 46 -18.41 -3.00 4.53
C LYS A 46 -17.53 -2.07 5.36
N ILE A 47 -16.73 -2.64 6.24
CA ILE A 47 -15.83 -1.86 7.08
C ILE A 47 -14.41 -2.34 6.84
N ILE A 48 -13.51 -1.42 6.53
CA ILE A 48 -12.12 -1.77 6.31
C ILE A 48 -11.25 -0.98 7.27
N GLY A 49 -10.11 -1.56 7.64
CA GLY A 49 -9.23 -0.89 8.57
C GLY A 49 -7.83 -0.67 8.04
N GLY A 50 -7.22 0.43 8.47
CA GLY A 50 -5.87 0.75 8.04
C GLY A 50 -5.17 1.60 9.07
N VAL A 51 -4.13 2.33 8.65
CA VAL A 51 -3.42 3.19 9.57
C VAL A 51 -4.42 4.26 9.96
N GLY A 52 -4.58 4.49 11.26
CA GLY A 52 -5.53 5.51 11.67
C GLY A 52 -6.88 4.99 12.12
N GLY A 53 -7.21 3.76 11.78
CA GLY A 53 -8.48 3.20 12.19
C GLY A 53 -9.34 2.62 11.07
N PHE A 54 -10.59 2.31 11.37
CA PHE A 54 -11.47 1.77 10.35
C PHE A 54 -12.43 2.82 9.80
N VAL A 55 -13.07 2.49 8.68
CA VAL A 55 -14.01 3.38 8.04
C VAL A 55 -15.04 2.54 7.29
N LYS A 56 -16.27 3.06 7.23
CA LYS A 56 -17.35 2.38 6.54
C LYS A 56 -17.36 2.77 5.06
N VAL A 57 -17.49 1.78 4.20
CA VAL A 57 -17.51 2.01 2.76
C VAL A 57 -18.61 1.15 2.13
N ARG A 58 -18.89 1.39 0.85
CA ARG A 58 -19.89 0.63 0.11
C ARG A 58 -19.14 -0.40 -0.73
N GLN A 59 -19.59 -1.64 -0.71
CA GLN A 59 -18.95 -2.68 -1.51
C GLN A 59 -19.75 -2.96 -2.77
N TYR A 60 -19.17 -2.64 -3.92
CA TYR A 60 -19.83 -2.90 -5.20
C TYR A 60 -19.10 -4.08 -5.84
N ASP A 61 -19.86 -5.12 -6.19
CA ASP A 61 -19.24 -6.30 -6.79
C ASP A 61 -19.39 -6.36 -8.29
N GLN A 62 -18.53 -7.16 -8.92
CA GLN A 62 -18.54 -7.33 -10.37
C GLN A 62 -18.58 -6.02 -11.13
N VAL A 63 -17.65 -5.14 -10.79
CA VAL A 63 -17.55 -3.84 -11.44
C VAL A 63 -16.53 -3.89 -12.57
N PRO A 64 -16.93 -3.49 -13.79
CA PRO A 64 -15.96 -3.54 -14.89
C PRO A 64 -15.03 -2.34 -14.73
N ILE A 65 -13.73 -2.58 -14.84
CA ILE A 65 -12.76 -1.49 -14.69
C ILE A 65 -11.59 -1.71 -15.63
N GLU A 66 -11.09 -0.62 -16.23
CA GLU A 66 -9.96 -0.72 -17.13
C GLU A 66 -8.74 -0.04 -16.52
N ILE A 67 -7.64 -0.78 -16.43
CA ILE A 67 -6.40 -0.28 -15.85
C ILE A 67 -5.20 -0.82 -16.62
N CYS A 68 -4.23 0.06 -16.89
CA CYS A 68 -3.01 -0.35 -17.59
C CYS A 68 -3.32 -1.17 -18.87
N GLY A 69 -4.36 -0.76 -19.59
CA GLY A 69 -4.73 -1.45 -20.82
C GLY A 69 -5.44 -2.79 -20.62
N HIS A 70 -5.78 -3.10 -19.38
CA HIS A 70 -6.47 -4.34 -19.06
C HIS A 70 -7.91 -4.09 -18.64
N LYS A 71 -8.82 -4.87 -19.21
CA LYS A 71 -10.24 -4.74 -18.89
C LYS A 71 -10.63 -5.88 -17.97
N VAL A 72 -10.74 -5.61 -16.67
CA VAL A 72 -11.11 -6.66 -15.73
C VAL A 72 -12.35 -6.34 -14.92
N ILE A 73 -12.83 -7.33 -14.19
CA ILE A 73 -14.02 -7.21 -13.35
C ILE A 73 -13.64 -7.54 -11.92
N GLY A 74 -14.03 -6.71 -10.98
CA GLY A 74 -13.71 -7.01 -9.61
C GLY A 74 -14.53 -6.18 -8.66
N THR A 75 -14.28 -6.40 -7.37
CA THR A 75 -14.98 -5.66 -6.32
C THR A 75 -14.30 -4.32 -6.13
N VAL A 76 -15.12 -3.28 -6.02
CA VAL A 76 -14.63 -1.93 -5.81
C VAL A 76 -15.35 -1.32 -4.63
N LEU A 77 -14.58 -0.82 -3.67
CA LEU A 77 -15.17 -0.19 -2.48
C LEU A 77 -15.21 1.32 -2.72
N VAL A 78 -16.34 1.92 -2.38
CA VAL A 78 -16.51 3.36 -2.55
C VAL A 78 -16.75 3.98 -1.18
N GLY A 79 -15.89 4.90 -0.80
CA GLY A 79 -16.01 5.54 0.50
C GLY A 79 -14.91 6.53 0.75
N PRO A 80 -14.84 7.06 1.97
CA PRO A 80 -13.81 8.03 2.32
C PRO A 80 -12.41 7.41 2.30
N THR A 81 -11.50 8.06 1.60
CA THR A 81 -10.12 7.63 1.53
C THR A 81 -9.35 8.80 0.96
N PRO A 82 -8.24 9.16 1.61
CA PRO A 82 -7.43 10.29 1.15
C PRO A 82 -6.74 10.06 -0.19
N ALA A 83 -6.84 8.84 -0.71
CA ALA A 83 -6.24 8.51 -1.99
C ALA A 83 -6.96 7.33 -2.61
N ASN A 84 -7.15 7.37 -3.93
CA ASN A 84 -7.79 6.26 -4.63
C ASN A 84 -6.73 5.16 -4.65
N ILE A 85 -7.15 3.95 -4.29
CA ILE A 85 -6.24 2.82 -4.20
C ILE A 85 -6.66 1.61 -5.03
N ILE A 86 -5.72 1.06 -5.80
CA ILE A 86 -5.97 -0.15 -6.58
C ILE A 86 -5.29 -1.26 -5.77
N GLY A 87 -6.10 -2.17 -5.22
CA GLY A 87 -5.55 -3.22 -4.40
C GLY A 87 -5.15 -4.47 -5.14
N ARG A 88 -4.66 -5.45 -4.40
CA ARG A 88 -4.22 -6.71 -5.01
C ARG A 88 -5.35 -7.44 -5.74
N ASN A 89 -6.59 -7.26 -5.29
CA ASN A 89 -7.71 -7.94 -5.94
C ASN A 89 -7.75 -7.62 -7.43
N LEU A 90 -7.27 -6.44 -7.80
CA LEU A 90 -7.24 -6.05 -9.20
C LEU A 90 -5.83 -6.15 -9.82
N MET A 91 -4.81 -5.83 -9.03
CA MET A 91 -3.45 -5.90 -9.57
C MET A 91 -3.10 -7.32 -10.04
N THR A 92 -3.62 -8.33 -9.35
CA THR A 92 -3.35 -9.70 -9.75
C THR A 92 -3.92 -9.97 -11.14
N GLN A 93 -5.13 -9.48 -11.36
CA GLN A 93 -5.82 -9.69 -12.63
C GLN A 93 -5.18 -8.99 -13.81
N ILE A 94 -4.45 -7.91 -13.56
CA ILE A 94 -3.79 -7.21 -14.66
C ILE A 94 -2.34 -7.68 -14.83
N GLY A 95 -1.96 -8.67 -14.03
CA GLY A 95 -0.62 -9.24 -14.11
C GLY A 95 0.49 -8.41 -13.51
N CYS A 96 0.17 -7.54 -12.56
CA CYS A 96 1.18 -6.70 -11.93
C CYS A 96 1.94 -7.50 -10.87
N THR A 97 3.27 -7.42 -10.90
CA THR A 97 4.11 -8.12 -9.93
C THR A 97 5.18 -7.23 -9.34
N LEU A 98 5.74 -7.65 -8.22
CA LEU A 98 6.85 -6.93 -7.59
C LEU A 98 8.12 -7.68 -7.96
N ASN A 99 9.15 -6.95 -8.36
CA ASN A 99 10.42 -7.58 -8.74
C ASN A 99 11.61 -6.85 -8.15
N PHE A 100 12.64 -7.61 -7.79
CA PHE A 100 13.85 -7.02 -7.21
C PHE A 100 15.02 -8.00 -7.30
N PRO B 2 14.32 -11.70 -7.79
CA PRO B 2 13.12 -12.55 -7.69
C PRO B 2 11.84 -11.80 -8.02
N GLN B 3 10.78 -12.54 -8.28
CA GLN B 3 9.49 -11.95 -8.60
C GLN B 3 8.47 -12.36 -7.54
N ILE B 4 7.58 -11.45 -7.20
CA ILE B 4 6.56 -11.73 -6.21
C ILE B 4 5.18 -11.47 -6.80
N THR B 5 4.39 -12.52 -6.95
CA THR B 5 3.05 -12.36 -7.50
C THR B 5 2.16 -11.93 -6.33
N LEU B 6 1.09 -11.21 -6.63
CA LEU B 6 0.22 -10.64 -5.61
C LEU B 6 -1.05 -11.36 -5.18
N TRP B 7 -1.12 -12.67 -5.39
CA TRP B 7 -2.31 -13.39 -4.97
C TRP B 7 -2.38 -13.51 -3.45
N GLN B 8 -1.28 -13.14 -2.79
CA GLN B 8 -1.19 -13.15 -1.33
C GLN B 8 -0.48 -11.86 -0.94
N ARG B 9 -0.57 -11.46 0.32
CA ARG B 9 0.13 -10.26 0.77
C ARG B 9 1.62 -10.47 0.62
N PRO B 10 2.32 -9.48 0.04
CA PRO B 10 3.77 -9.58 -0.14
C PRO B 10 4.54 -9.32 1.15
N ILE B 11 4.57 -10.33 2.01
CA ILE B 11 5.26 -10.24 3.30
C ILE B 11 6.70 -10.70 3.16
N VAL B 12 7.61 -9.95 3.76
CA VAL B 12 9.02 -10.30 3.74
C VAL B 12 9.57 -10.18 5.15
N THR B 13 10.71 -10.82 5.38
CA THR B 13 11.36 -10.77 6.67
C THR B 13 12.35 -9.63 6.65
N ILE B 14 12.41 -8.89 7.74
CA ILE B 14 13.34 -7.78 7.83
C ILE B 14 14.13 -7.95 9.12
N LYS B 15 15.26 -7.26 9.18
CA LYS B 15 16.13 -7.30 10.36
C LYS B 15 16.39 -5.86 10.72
N ILE B 16 16.02 -5.49 11.93
CA ILE B 16 16.20 -4.13 12.41
C ILE B 16 16.42 -4.18 13.91
N GLY B 17 17.45 -3.47 14.38
CA GLY B 17 17.76 -3.47 15.79
C GLY B 17 18.21 -4.86 16.22
N GLY B 18 18.85 -5.58 15.31
CA GLY B 18 19.33 -6.92 15.61
C GLY B 18 18.22 -7.95 15.72
N GLN B 19 16.99 -7.56 15.45
CA GLN B 19 15.87 -8.48 15.54
C GLN B 19 15.11 -8.66 14.23
N GLN B 20 14.49 -9.82 14.10
CA GLN B 20 13.73 -10.15 12.91
C GLN B 20 12.24 -9.86 13.09
N ARG B 21 11.64 -9.33 12.03
CA ARG B 21 10.22 -9.02 12.02
C ARG B 21 9.68 -9.28 10.62
N GLU B 22 8.36 -9.24 10.48
CA GLU B 22 7.72 -9.45 9.18
C GLU B 22 7.11 -8.11 8.81
N ALA B 23 7.09 -7.81 7.51
CA ALA B 23 6.52 -6.56 7.05
C ALA B 23 6.02 -6.72 5.63
N LEU B 24 5.09 -5.85 5.27
CA LEU B 24 4.44 -5.85 3.98
C LEU B 24 5.12 -4.91 2.98
N LEU B 25 5.50 -5.40 1.80
CA LEU B 25 6.09 -4.53 0.79
C LEU B 25 4.86 -3.74 0.32
N ASP B 26 4.87 -2.43 0.58
CA ASP B 26 3.71 -1.60 0.30
C ASP B 26 3.98 -0.41 -0.60
N THR B 27 3.62 -0.56 -1.87
CA THR B 27 3.85 0.50 -2.85
C THR B 27 2.94 1.69 -2.63
N GLY B 28 1.87 1.50 -1.85
CA GLY B 28 0.94 2.59 -1.59
C GLY B 28 1.37 3.41 -0.37
N ALA B 29 2.49 3.04 0.23
CA ALA B 29 3.02 3.72 1.41
C ALA B 29 4.25 4.57 1.07
N ASP B 30 4.22 5.85 1.40
CA ASP B 30 5.37 6.72 1.14
C ASP B 30 6.48 6.33 2.09
N ASP B 31 6.10 6.09 3.34
CA ASP B 31 7.05 5.76 4.39
C ASP B 31 6.87 4.38 4.98
N THR B 32 7.85 3.99 5.80
CA THR B 32 7.88 2.70 6.46
C THR B 32 7.41 2.86 7.90
N VAL B 33 6.41 2.08 8.29
CA VAL B 33 5.84 2.13 9.63
C VAL B 33 5.83 0.76 10.27
N LEU B 34 6.47 0.64 11.45
CA LEU B 34 6.53 -0.63 12.16
C LEU B 34 5.93 -0.43 13.55
N GLU B 35 5.18 -1.42 14.03
CA GLU B 35 4.54 -1.33 15.33
C GLU B 35 5.15 -2.20 16.42
N ASP B 36 5.72 -3.35 16.06
CA ASP B 36 6.27 -4.27 17.06
C ASP B 36 7.78 -4.21 17.32
N ILE B 37 8.31 -3.00 17.44
CA ILE B 37 9.74 -2.83 17.70
C ILE B 37 9.99 -1.59 18.56
N ASN B 38 11.15 -1.60 19.22
CA ASN B 38 11.59 -0.47 20.03
C ASN B 38 12.91 -0.05 19.40
N LEU B 39 13.01 1.21 19.01
CA LEU B 39 14.26 1.70 18.42
C LEU B 39 14.95 2.64 19.40
N PRO B 40 16.29 2.62 19.42
CA PRO B 40 17.12 3.43 20.32
C PRO B 40 17.38 4.85 19.82
N GLY B 41 17.66 5.76 20.75
CA GLY B 41 17.97 7.13 20.37
C GLY B 41 16.85 8.15 20.23
N ARG B 42 17.23 9.32 19.74
CA ARG B 42 16.30 10.43 19.55
C ARG B 42 15.37 10.20 18.38
N TRP B 43 14.23 10.87 18.41
CA TRP B 43 13.23 10.77 17.36
C TRP B 43 12.47 12.09 17.24
N LYS B 44 11.73 12.24 16.14
CA LYS B 44 10.93 13.42 15.87
C LYS B 44 9.46 13.01 15.84
N PRO B 45 8.58 13.76 16.51
CA PRO B 45 7.18 13.35 16.45
C PRO B 45 6.69 13.60 15.02
N LYS B 46 5.82 12.74 14.52
CA LYS B 46 5.27 12.90 13.18
C LYS B 46 3.85 12.39 13.10
N ILE B 47 3.09 12.92 12.15
CA ILE B 47 1.72 12.49 11.94
C ILE B 47 1.52 12.02 10.50
N ILE B 48 1.01 10.80 10.34
CA ILE B 48 0.77 10.28 9.01
C ILE B 48 -0.72 9.96 8.89
N GLY B 49 -1.24 10.05 7.67
CA GLY B 49 -2.65 9.78 7.46
C GLY B 49 -2.91 8.70 6.45
N GLY B 50 -4.01 7.96 6.66
CA GLY B 50 -4.37 6.89 5.75
C GLY B 50 -5.87 6.65 5.79
N VAL B 51 -6.28 5.46 5.36
CA VAL B 51 -7.68 5.11 5.39
C VAL B 51 -8.01 5.05 6.87
N GLY B 52 -9.07 5.73 7.28
CA GLY B 52 -9.43 5.71 8.69
C GLY B 52 -9.02 6.95 9.47
N GLY B 53 -8.05 7.70 8.96
CA GLY B 53 -7.62 8.90 9.64
C GLY B 53 -6.12 8.97 9.92
N PHE B 54 -5.70 9.94 10.73
CA PHE B 54 -4.29 10.07 11.03
C PHE B 54 -3.90 9.47 12.37
N VAL B 55 -2.60 9.31 12.59
CA VAL B 55 -2.10 8.76 13.84
C VAL B 55 -0.71 9.32 14.12
N LYS B 56 -0.41 9.47 15.40
CA LYS B 56 0.89 9.99 15.82
C LYS B 56 1.89 8.85 15.93
N VAL B 57 3.07 9.07 15.37
CA VAL B 57 4.13 8.07 15.40
C VAL B 57 5.46 8.74 15.73
N ARG B 58 6.49 7.93 15.95
CA ARG B 58 7.84 8.45 16.23
C ARG B 58 8.65 8.28 14.95
N GLN B 59 9.35 9.33 14.55
CA GLN B 59 10.17 9.25 13.35
C GLN B 59 11.63 9.06 13.71
N TYR B 60 12.18 7.89 13.38
CA TYR B 60 13.58 7.60 13.63
C TYR B 60 14.32 7.71 12.30
N ASP B 61 15.40 8.48 12.28
CA ASP B 61 16.15 8.65 11.05
C ASP B 61 17.44 7.85 11.01
N GLN B 62 17.92 7.61 9.79
CA GLN B 62 19.16 6.87 9.56
C GLN B 62 19.18 5.55 10.30
N VAL B 63 18.12 4.75 10.12
CA VAL B 63 18.02 3.46 10.77
C VAL B 63 18.53 2.37 9.83
N PRO B 64 19.48 1.55 10.29
CA PRO B 64 19.99 0.49 9.42
C PRO B 64 18.95 -0.64 9.42
N ILE B 65 18.64 -1.15 8.24
CA ILE B 65 17.65 -2.21 8.13
C ILE B 65 18.00 -3.12 6.97
N GLU B 66 17.82 -4.43 7.15
CA GLU B 66 18.09 -5.37 6.08
C GLU B 66 16.77 -6.00 5.63
N ILE B 67 16.49 -5.86 4.34
CA ILE B 67 15.27 -6.39 3.76
C ILE B 67 15.66 -7.21 2.55
N CYS B 68 15.11 -8.41 2.46
CA CYS B 68 15.41 -9.31 1.37
C CYS B 68 16.91 -9.61 1.52
N GLY B 69 17.74 -9.16 0.58
CA GLY B 69 19.17 -9.41 0.72
C GLY B 69 19.93 -8.10 0.73
N HIS B 70 19.23 -7.02 1.06
CA HIS B 70 19.83 -5.69 1.06
C HIS B 70 19.96 -5.03 2.42
N LYS B 71 21.08 -4.33 2.61
CA LYS B 71 21.35 -3.61 3.86
C LYS B 71 21.30 -2.13 3.54
N VAL B 72 20.18 -1.48 3.87
CA VAL B 72 20.04 -0.06 3.58
C VAL B 72 19.78 0.76 4.83
N ILE B 73 19.83 2.07 4.68
CA ILE B 73 19.60 3.02 5.78
C ILE B 73 18.46 3.93 5.38
N GLY B 74 17.52 4.12 6.29
CA GLY B 74 16.41 5.01 5.98
C GLY B 74 15.63 5.37 7.21
N THR B 75 14.59 6.17 6.99
CA THR B 75 13.72 6.61 8.06
C THR B 75 12.69 5.53 8.34
N VAL B 76 12.48 5.25 9.62
CA VAL B 76 11.50 4.26 10.05
C VAL B 76 10.59 4.89 11.07
N LEU B 77 9.29 4.81 10.83
CA LEU B 77 8.33 5.37 11.76
C LEU B 77 7.86 4.25 12.67
N VAL B 78 7.77 4.54 13.96
CA VAL B 78 7.33 3.56 14.94
C VAL B 78 6.08 4.09 15.61
N GLY B 79 5.02 3.29 15.54
CA GLY B 79 3.76 3.69 16.14
C GLY B 79 2.65 2.71 15.86
N PRO B 80 1.41 3.07 16.20
CA PRO B 80 0.27 2.18 15.96
C PRO B 80 -0.02 1.97 14.47
N THR B 81 -0.11 0.72 14.08
CA THR B 81 -0.44 0.36 12.72
C THR B 81 -0.83 -1.10 12.79
N PRO B 82 -1.94 -1.46 12.17
CA PRO B 82 -2.39 -2.85 12.20
C PRO B 82 -1.53 -3.80 11.40
N ALA B 83 -0.51 -3.27 10.73
CA ALA B 83 0.39 -4.09 9.95
C ALA B 83 1.72 -3.36 9.73
N ASN B 84 2.82 -4.10 9.84
CA ASN B 84 4.14 -3.51 9.61
C ASN B 84 4.19 -3.26 8.11
N ILE B 85 4.63 -2.06 7.73
CA ILE B 85 4.68 -1.65 6.34
C ILE B 85 6.04 -1.14 5.88
N ILE B 86 6.52 -1.66 4.75
CA ILE B 86 7.78 -1.20 4.16
C ILE B 86 7.33 -0.28 3.02
N GLY B 87 7.63 1.01 3.14
CA GLY B 87 7.21 1.96 2.13
C GLY B 87 8.18 2.17 1.00
N ARG B 88 7.84 3.08 0.11
CA ARG B 88 8.70 3.36 -1.04
C ARG B 88 10.07 3.91 -0.65
N ASN B 89 10.16 4.59 0.49
CA ASN B 89 11.44 5.15 0.91
C ASN B 89 12.49 4.07 1.01
N LEU B 90 12.08 2.84 1.32
CA LEU B 90 13.01 1.73 1.42
C LEU B 90 12.95 0.80 0.20
N MET B 91 11.77 0.62 -0.37
CA MET B 91 11.65 -0.25 -1.53
C MET B 91 12.52 0.24 -2.70
N THR B 92 12.65 1.56 -2.83
CA THR B 92 13.48 2.11 -3.91
C THR B 92 14.93 1.75 -3.72
N GLN B 93 15.38 1.78 -2.47
CA GLN B 93 16.77 1.49 -2.14
C GLN B 93 17.13 0.01 -2.32
N ILE B 94 16.14 -0.87 -2.25
CA ILE B 94 16.43 -2.29 -2.43
C ILE B 94 16.20 -2.72 -3.89
N GLY B 95 15.83 -1.76 -4.73
CA GLY B 95 15.61 -2.03 -6.14
C GLY B 95 14.30 -2.72 -6.48
N CYS B 96 13.29 -2.57 -5.64
CA CYS B 96 12.00 -3.21 -5.87
C CYS B 96 11.18 -2.37 -6.86
N THR B 97 10.63 -3.03 -7.89
CA THR B 97 9.82 -2.34 -8.89
C THR B 97 8.51 -3.07 -9.15
N LEU B 98 7.57 -2.37 -9.78
CA LEU B 98 6.30 -2.96 -10.17
C LEU B 98 6.42 -3.23 -11.67
N ASN B 99 5.97 -4.41 -12.09
CA ASN B 99 6.05 -4.77 -13.51
C ASN B 99 4.79 -5.45 -13.98
N PHE B 100 4.41 -5.21 -15.23
CA PHE B 100 3.22 -5.82 -15.80
C PHE B 100 3.27 -5.79 -17.33
C1 385 C . -7.32 -2.15 3.79
C1 385 C . 0.94 6.96 4.84
C2 385 C . -7.66 -3.31 2.87
C2 385 C . 2.35 7.28 4.35
C3 385 C . -7.03 -0.95 2.83
C3 385 C . 1.02 5.45 5.27
C4 385 C . -6.18 -2.70 4.71
C4 385 C . 0.02 7.38 3.65
O5 385 C . -7.75 -2.80 1.53
O5 385 C . 3.18 6.16 4.65
O6 385 C . -6.61 -4.29 2.96
O6 385 C . 2.31 7.50 2.92
C7 385 C . -7.83 -1.36 1.59
C7 385 C . 2.49 5.32 5.62
O8 385 C . -5.63 -0.81 2.46
O8 385 C . 0.68 4.51 4.23
C9 385 C . -5.55 -3.82 3.81
C9 385 C . 0.97 7.27 2.43
C10 385 C . -4.78 0.10 3.00
C10 385 C . -0.51 3.86 4.11
N11 385 C . -3.47 -0.11 2.89
N11 385 C . -0.85 3.34 2.93
O12 385 C . -5.21 1.08 3.57
O12 385 C . -1.23 3.74 5.08
C13 385 C . -2.32 0.67 3.36
C13 385 C . -2.03 2.60 2.50
C14 385 C . -1.43 -0.26 4.26
C14 385 C . -2.68 3.37 1.30
C15 385 C . -1.60 1.37 2.17
C15 385 C . -1.66 1.10 2.26
C16 385 C . -2.09 -1.08 5.31
C16 385 C . -2.88 4.83 1.44
C17 385 C . -0.64 2.51 2.55
C17 385 C . -2.85 0.13 2.20
O18 385 C . -0.91 0.39 1.44
O18 385 C . -0.92 1.03 1.06
C19 385 C . -2.13 -2.50 5.21
C19 385 C . -2.17 5.75 0.60
C20 385 C . -2.72 -0.43 6.42
C20 385 C . -3.78 5.34 2.43
N21 385 C . -1.36 3.60 3.16
N21 385 C . -3.51 0.07 3.48
C22 385 C . -2.78 -3.28 6.21
C22 385 C . -2.34 7.16 0.76
C23 385 C . -3.37 -1.19 7.41
C23 385 C . -3.95 6.73 2.59
S24 385 C . -1.08 3.90 4.83
S24 385 C . -5.10 0.75 3.57
C25 385 C . -1.59 4.77 2.32
C25 385 C . -3.25 -1.11 4.30
C26 385 C . -3.40 -2.62 7.30
C26 385 C . -3.23 7.64 1.75
C27 385 C . 0.42 4.78 4.95
C27 385 C . -6.20 -0.43 2.94
O28 385 C . -0.98 2.69 5.60
O28 385 C . -5.22 1.98 2.83
O29 385 C . -2.12 4.72 5.39
O29 385 C . -5.47 1.04 4.94
C30 385 C . -2.79 4.71 1.35
C30 385 C . -2.05 -1.04 5.25
O31 385 C . -4.04 -3.35 8.24
O31 385 C . -3.38 8.96 1.93
C32 385 C . 0.41 6.21 4.82
C32 385 C . -6.73 -1.44 3.80
C33 385 C . 1.66 4.09 5.13
C33 385 C . -6.57 -0.39 1.55
C34 385 C . -2.74 5.87 0.32
C34 385 C . -1.73 -2.42 5.87
C35 385 C . -4.16 4.62 2.06
C35 385 C . -2.18 0.06 6.33
C36 385 C . -5.16 -4.15 8.04
C36 385 C . -2.42 9.84 2.45
C37 385 C . 1.62 6.93 4.89
C37 385 C . -7.61 -2.41 3.28
C38 385 C . 2.87 4.82 5.21
C38 385 C . -7.45 -1.38 1.04
C39 385 C . -5.93 -4.39 9.33
C39 385 C . -3.03 11.13 2.96
C40 385 C . 2.85 6.25 5.07
C40 385 C . -7.97 -2.39 1.91
O41 385 C . 1.86 8.25 4.79
O41 385 C . -8.22 -3.44 3.89
N42 385 C . -5.91 -5.56 10.00
N42 385 C . -3.01 12.29 2.27
C43 385 C . -6.69 -3.41 9.89
C43 385 C . -3.65 11.19 4.17
O44 385 C . 3.85 7.15 5.10
O44 385 C . -8.81 -3.42 1.67
C45 385 C . 3.26 8.45 4.93
C45 385 C . -8.99 -4.11 2.91
C46 385 C . -6.62 -5.55 11.08
C46 385 C . -3.58 13.27 2.88
S47 385 C . -7.41 -4.03 11.33
S47 385 C . -4.23 12.79 4.42
C48 385 C . -6.77 -6.73 12.01
C48 385 C . -3.69 14.67 2.33
#